data_5FTC
#
_entry.id   5FTC
#
_cell.length_a   67.173
_cell.length_b   74.032
_cell.length_c   109.153
_cell.angle_alpha   90.00
_cell.angle_beta   90.00
_cell.angle_gamma   90.00
#
_symmetry.space_group_name_H-M   'P 21 21 21'
#
loop_
_entity.id
_entity.type
_entity.pdbx_description
1 polymer 'TPR DOMAIN PROTEIN'
2 non-polymer "ADENOSINE-5'-DIPHOSPHATE"
3 non-polymer 'CALCIUM ION'
4 water water
#
_entity_poly.entity_id   1
_entity_poly.type   'polypeptide(L)'
_entity_poly.pdbx_seq_one_letter_code
;MEDMILTEEMQKIMNLIQDDENNVFVTGKAGSGKTTFLKYLIEKSGKNCIVAAPTGIAAINAGGVTLHSLFGIPFGPITP
YDRLENKFSEYKVELLLKMELLIIDEISMVRPDILDTIDRKLRWVYESDEPFGGVQVIMFGDLFQLPPVTKKQEREILSD
FYDGFFFFNALVFKRTGFHIVELTKIFRQTEPEFINVLNNIRNYQVTSDELDLLSELKDRKISSSYDNEYIHICTHKADV
EKINADKLGEQEIRNYDIVIKDKFPESSIPCDLHLKLRVGARVMSLVNDSLKGYYNGMLGIVTALEDNVITVRMDNGRTI
KFERYTWSNTQYTLKDNEIVKEEIGSCTQFPLTLAWAITIHKSQGLTFDKIIIHVSHTFCPGQLYVALSRCRTLEGIVSD
AFITKQMIIPEYALIDFERAYKSEGNYYGKRLD
;
_entity_poly.pdbx_strand_id   A
#
loop_
_chem_comp.id
_chem_comp.type
_chem_comp.name
_chem_comp.formula
ADP non-polymer ADENOSINE-5'-DIPHOSPHATE 'C10 H15 N5 O10 P2'
CA non-polymer 'CALCIUM ION' 'Ca 2'
#
# COMPACT_ATOMS: atom_id res chain seq x y z
N MET A 1 0.29 -6.48 -18.99
CA MET A 1 -1.11 -6.17 -19.27
C MET A 1 -1.27 -5.56 -20.65
N GLU A 2 -2.30 -6.03 -21.36
CA GLU A 2 -2.48 -5.73 -22.77
C GLU A 2 -3.82 -5.09 -23.12
N ASP A 3 -4.81 -5.13 -22.23
CA ASP A 3 -6.08 -4.45 -22.44
C ASP A 3 -6.22 -3.25 -21.49
N MET A 4 -5.10 -2.67 -21.10
CA MET A 4 -5.11 -1.51 -20.21
C MET A 4 -5.78 -0.30 -20.85
N ILE A 5 -6.53 0.44 -20.04
CA ILE A 5 -7.25 1.62 -20.49
C ILE A 5 -6.43 2.84 -20.13
N LEU A 6 -6.23 3.74 -21.08
CA LEU A 6 -5.53 5.00 -20.81
C LEU A 6 -6.59 6.07 -20.59
N THR A 7 -6.71 6.53 -19.36
CA THR A 7 -7.68 7.54 -19.00
C THR A 7 -7.09 8.93 -19.16
N GLU A 8 -7.97 9.91 -19.24
CA GLU A 8 -7.51 11.30 -19.35
C GLU A 8 -6.64 11.69 -18.16
N GLU A 9 -7.01 11.22 -16.96
CA GLU A 9 -6.22 11.55 -15.78
C GLU A 9 -4.81 10.96 -15.88
N MET A 10 -4.69 9.73 -16.38
CA MET A 10 -3.36 9.14 -16.54
C MET A 10 -2.54 9.90 -17.56
N GLN A 11 -3.17 10.28 -18.68
CA GLN A 11 -2.43 11.07 -19.67
C GLN A 11 -2.00 12.41 -19.10
N LYS A 12 -2.81 13.00 -18.22
CA LYS A 12 -2.39 14.28 -17.62
C LYS A 12 -1.10 14.10 -16.84
N ILE A 13 -0.97 12.99 -16.11
CA ILE A 13 0.27 12.71 -15.39
C ILE A 13 1.43 12.59 -16.37
N MET A 14 1.26 11.79 -17.42
CA MET A 14 2.29 11.66 -18.44
C MET A 14 2.62 13.01 -19.07
N ASN A 15 1.60 13.83 -19.35
CA ASN A 15 1.85 15.18 -19.84
C ASN A 15 2.74 15.96 -18.87
N LEU A 16 2.49 15.83 -17.58
CA LEU A 16 3.24 16.61 -16.60
C LEU A 16 4.69 16.16 -16.52
N ILE A 17 4.94 14.85 -16.49
CA ILE A 17 6.30 14.35 -16.29
C ILE A 17 7.21 14.60 -17.50
N GLN A 18 6.66 15.03 -18.64
CA GLN A 18 7.51 15.43 -19.75
C GLN A 18 8.49 16.53 -19.35
N ASP A 19 7.98 17.59 -18.73
CA ASP A 19 8.80 18.66 -18.14
C ASP A 19 9.51 18.05 -16.94
N ASP A 20 10.80 17.73 -17.11
CA ASP A 20 11.48 16.98 -16.06
C ASP A 20 11.74 17.82 -14.83
N GLU A 21 11.30 19.07 -14.80
CA GLU A 21 11.31 19.84 -13.58
C GLU A 21 10.09 19.55 -12.70
N ASN A 22 9.09 18.84 -13.21
CA ASN A 22 7.84 18.60 -12.50
C ASN A 22 7.94 17.34 -11.65
N ASN A 23 7.69 17.47 -10.35
CA ASN A 23 7.39 16.35 -9.48
C ASN A 23 5.87 16.15 -9.43
N VAL A 24 5.44 14.91 -9.20
CA VAL A 24 4.01 14.56 -9.30
C VAL A 24 3.65 13.59 -8.18
N PHE A 25 2.56 13.89 -7.49
CA PHE A 25 1.95 13.00 -6.52
C PHE A 25 0.76 12.37 -7.22
N VAL A 26 0.81 11.04 -7.39
CA VAL A 26 -0.27 10.29 -8.01
C VAL A 26 -1.05 9.59 -6.90
N THR A 27 -2.35 9.86 -6.82
CA THR A 27 -3.14 9.40 -5.68
C THR A 27 -4.48 8.90 -6.19
N GLY A 28 -5.29 8.38 -5.26
CA GLY A 28 -6.55 7.73 -5.59
C GLY A 28 -6.78 6.53 -4.70
N LYS A 29 -8.03 6.09 -4.65
CA LYS A 29 -8.40 5.02 -3.74
C LYS A 29 -7.90 3.67 -4.26
N ALA A 30 -7.98 2.68 -3.39
CA ALA A 30 -7.75 1.30 -3.79
C ALA A 30 -8.61 0.97 -4.99
N GLY A 31 -8.01 0.35 -6.01
CA GLY A 31 -8.72 -0.02 -7.22
C GLY A 31 -8.76 1.05 -8.30
N SER A 32 -8.10 2.19 -8.10
CA SER A 32 -8.13 3.24 -9.13
C SER A 32 -6.95 3.15 -10.10
N GLY A 33 -6.15 2.08 -10.02
CA GLY A 33 -5.13 1.81 -11.02
C GLY A 33 -3.76 2.39 -10.75
N LYS A 34 -3.43 2.68 -9.50
CA LYS A 34 -2.11 3.26 -9.23
C LYS A 34 -0.99 2.27 -9.56
N THR A 35 -1.11 1.04 -9.06
CA THR A 35 -0.05 0.06 -9.32
C THR A 35 0.11 -0.24 -10.81
N THR A 36 -1.00 -0.40 -11.52
CA THR A 36 -0.90 -0.65 -12.96
C THR A 36 -0.31 0.56 -13.69
N PHE A 37 -0.78 1.78 -13.36
CA PHE A 37 -0.27 2.95 -14.06
C PHE A 37 1.20 3.19 -13.77
N LEU A 38 1.65 2.93 -12.54
CA LEU A 38 3.08 2.94 -12.22
C LEU A 38 3.88 2.11 -13.24
N LYS A 39 3.48 0.86 -13.46
CA LYS A 39 4.20 0.02 -14.43
C LYS A 39 4.22 0.67 -15.80
N TYR A 40 3.06 1.14 -16.27
CA TYR A 40 3.00 1.85 -17.54
C TYR A 40 3.98 3.02 -17.57
N LEU A 41 3.95 3.87 -16.53
CA LEU A 41 4.83 5.03 -16.47
C LEU A 41 6.29 4.62 -16.56
N ILE A 42 6.64 3.50 -15.91
CA ILE A 42 8.00 2.96 -16.05
C ILE A 42 8.29 2.73 -17.53
N GLU A 43 7.54 1.83 -18.15
CA GLU A 43 7.79 1.42 -19.53
C GLU A 43 7.80 2.62 -20.48
N LYS A 44 6.80 3.49 -20.39
CA LYS A 44 6.68 4.67 -21.25
C LYS A 44 7.45 5.86 -20.69
N SER A 45 8.70 5.62 -20.30
CA SER A 45 9.54 6.68 -19.74
C SER A 45 10.91 6.60 -20.40
N GLY A 46 11.35 7.71 -21.00
CA GLY A 46 12.66 7.75 -21.62
C GLY A 46 13.71 8.18 -20.62
N LYS A 47 13.67 7.56 -19.44
CA LYS A 47 14.49 7.97 -18.32
C LYS A 47 14.95 6.75 -17.52
N ASN A 48 16.15 6.84 -16.95
CA ASN A 48 16.65 5.82 -16.04
C ASN A 48 15.88 5.90 -14.72
N CYS A 49 14.95 4.98 -14.49
CA CYS A 49 14.11 4.99 -13.30
C CYS A 49 14.64 4.07 -12.21
N ILE A 50 14.42 4.47 -10.97
CA ILE A 50 14.52 3.59 -9.82
C ILE A 50 13.19 3.67 -9.06
N VAL A 51 12.62 2.50 -8.72
CA VAL A 51 11.38 2.40 -7.94
C VAL A 51 11.74 2.00 -6.52
N ALA A 52 11.26 2.77 -5.54
CA ALA A 52 11.56 2.47 -4.14
C ALA A 52 10.27 2.62 -3.33
N ALA A 53 10.31 2.10 -2.10
CA ALA A 53 9.15 2.09 -1.22
C ALA A 53 9.64 1.97 0.21
N PRO A 54 8.80 2.32 1.18
CA PRO A 54 9.27 2.33 2.58
C PRO A 54 9.30 0.99 3.29
N THR A 55 8.64 -0.06 2.76
CA THR A 55 8.69 -1.39 3.35
C THR A 55 9.17 -2.42 2.32
N GLY A 56 9.78 -3.50 2.83
CA GLY A 56 10.18 -4.59 1.95
C GLY A 56 9.02 -5.18 1.15
N ILE A 57 7.89 -5.42 1.80
CA ILE A 57 6.76 -6.05 1.10
C ILE A 57 6.30 -5.17 -0.04
N ALA A 58 6.18 -3.85 0.22
CA ALA A 58 5.75 -2.95 -0.84
C ALA A 58 6.83 -2.80 -1.91
N ALA A 59 8.11 -2.74 -1.50
CA ALA A 59 9.19 -2.80 -2.49
C ALA A 59 9.05 -4.02 -3.38
N ILE A 60 8.89 -5.20 -2.78
CA ILE A 60 8.83 -6.43 -3.59
C ILE A 60 7.69 -6.34 -4.59
N ASN A 61 6.49 -5.97 -4.11
CA ASN A 61 5.32 -5.98 -4.98
C ASN A 61 5.46 -4.96 -6.11
N ALA A 62 6.14 -3.85 -5.87
CA ALA A 62 6.37 -2.84 -6.91
C ALA A 62 7.58 -3.16 -7.78
N GLY A 63 8.30 -4.24 -7.51
CA GLY A 63 9.48 -4.58 -8.30
C GLY A 63 10.67 -3.68 -8.04
N GLY A 64 10.76 -3.10 -6.83
CA GLY A 64 11.78 -2.13 -6.50
C GLY A 64 12.53 -2.52 -5.23
N VAL A 65 13.07 -1.50 -4.55
CA VAL A 65 13.93 -1.66 -3.39
C VAL A 65 13.44 -0.77 -2.26
N THR A 66 13.84 -1.09 -1.03
CA THR A 66 13.41 -0.27 0.10
C THR A 66 14.15 1.07 0.08
N LEU A 67 13.47 2.10 0.58
CA LEU A 67 14.13 3.39 0.69
C LEU A 67 15.38 3.28 1.53
N HIS A 68 15.33 2.53 2.63
CA HIS A 68 16.46 2.46 3.55
C HIS A 68 17.67 1.80 2.92
N SER A 69 17.48 0.76 2.10
CA SER A 69 18.66 0.14 1.51
C SER A 69 19.17 0.94 0.32
N LEU A 70 18.26 1.48 -0.50
CA LEU A 70 18.68 2.30 -1.62
C LEU A 70 19.61 3.43 -1.19
N PHE A 71 19.24 4.14 -0.12
CA PHE A 71 19.99 5.32 0.31
C PHE A 71 20.79 5.10 1.60
N GLY A 72 20.89 3.87 2.11
CA GLY A 72 21.66 3.63 3.32
C GLY A 72 21.16 4.39 4.54
N ILE A 73 19.85 4.55 4.67
CA ILE A 73 19.28 5.33 5.76
C ILE A 73 19.23 4.53 7.05
N PRO A 74 19.86 5.00 8.12
CA PRO A 74 19.67 4.35 9.42
C PRO A 74 18.19 4.33 9.79
N PHE A 75 17.81 3.29 10.54
CA PHE A 75 16.44 3.12 11.01
C PHE A 75 16.23 3.96 12.26
N GLY A 76 15.24 4.85 12.22
CA GLY A 76 15.01 5.76 13.32
C GLY A 76 14.89 7.21 12.90
N PRO A 77 14.35 8.05 13.79
CA PRO A 77 14.19 9.47 13.46
C PRO A 77 15.53 10.17 13.28
N ILE A 78 15.55 11.14 12.36
CA ILE A 78 16.76 11.88 12.02
C ILE A 78 16.37 13.36 11.81
N THR A 79 16.93 14.23 12.64
CA THR A 79 16.72 15.66 12.49
C THR A 79 17.60 16.20 11.36
N PRO A 80 17.38 17.42 10.93
CA PRO A 80 18.28 17.99 9.91
C PRO A 80 19.70 18.19 10.41
N TYR A 81 19.92 18.18 11.72
CA TYR A 81 21.25 18.39 12.29
C TYR A 81 21.85 17.13 12.90
N ASP A 82 21.20 15.98 12.73
CA ASP A 82 21.86 14.70 12.97
C ASP A 82 22.79 14.41 11.79
N ARG A 83 24.05 14.13 12.08
CA ARG A 83 25.04 13.94 11.02
C ARG A 83 24.99 12.51 10.49
N LEU A 84 25.02 12.38 9.17
CA LEU A 84 24.89 11.09 8.49
C LEU A 84 26.26 10.51 8.15
N GLU A 85 26.41 9.20 8.34
CA GLU A 85 27.55 8.47 7.80
C GLU A 85 27.26 8.27 6.32
N ASN A 86 27.75 9.18 5.48
CA ASN A 86 27.45 9.14 4.05
C ASN A 86 28.32 8.15 3.29
N LYS A 87 28.48 6.95 3.84
CA LYS A 87 29.37 5.93 3.28
C LYS A 87 28.63 5.10 2.25
N PHE A 88 28.83 5.43 0.97
CA PHE A 88 28.28 4.67 -0.15
C PHE A 88 29.40 3.97 -0.92
N SER A 89 29.08 2.81 -1.48
CA SER A 89 30.01 2.13 -2.38
C SER A 89 30.23 2.97 -3.64
N GLU A 90 31.33 2.70 -4.33
CA GLU A 90 31.54 3.40 -5.60
C GLU A 90 30.44 3.04 -6.60
N TYR A 91 29.89 1.83 -6.54
CA TYR A 91 28.83 1.47 -7.48
C TYR A 91 27.52 2.17 -7.12
N LYS A 92 27.16 2.20 -5.84
CA LYS A 92 25.92 2.89 -5.47
C LYS A 92 25.97 4.35 -5.90
N VAL A 93 27.09 5.02 -5.64
CA VAL A 93 27.28 6.40 -6.12
C VAL A 93 27.06 6.48 -7.63
N GLU A 94 27.81 5.67 -8.40
CA GLU A 94 27.62 5.69 -9.85
C GLU A 94 26.15 5.42 -10.21
N LEU A 95 25.51 4.49 -9.53
CA LEU A 95 24.12 4.22 -9.86
C LEU A 95 23.25 5.44 -9.58
N LEU A 96 23.35 6.01 -8.39
CA LEU A 96 22.54 7.18 -8.06
C LEU A 96 22.80 8.35 -9.01
N LEU A 97 24.03 8.50 -9.48
CA LEU A 97 24.38 9.54 -10.44
C LEU A 97 23.74 9.33 -11.80
N LYS A 98 23.32 8.11 -12.13
CA LYS A 98 22.63 7.85 -13.40
C LYS A 98 21.12 7.86 -13.26
N MET A 99 20.61 7.91 -12.04
CA MET A 99 19.17 7.96 -11.83
C MET A 99 18.63 9.32 -12.28
N GLU A 100 17.71 9.32 -13.23
CA GLU A 100 17.06 10.53 -13.71
C GLU A 100 15.68 10.74 -13.12
N LEU A 101 15.08 9.69 -12.58
CA LEU A 101 13.69 9.71 -12.15
C LEU A 101 13.57 8.75 -10.97
N LEU A 102 13.25 9.28 -9.79
CA LEU A 102 13.01 8.47 -8.60
C LEU A 102 11.52 8.35 -8.37
N ILE A 103 11.03 7.11 -8.25
CA ILE A 103 9.62 6.85 -8.06
C ILE A 103 9.46 6.21 -6.70
N ILE A 104 8.64 6.82 -5.84
CA ILE A 104 8.38 6.30 -4.50
C ILE A 104 6.94 5.81 -4.42
N ASP A 105 6.77 4.53 -4.14
CA ASP A 105 5.44 3.95 -3.98
C ASP A 105 5.02 3.94 -2.52
N GLU A 106 3.71 3.97 -2.30
CA GLU A 106 3.14 4.09 -0.95
C GLU A 106 3.73 5.30 -0.24
N ILE A 107 3.74 6.44 -0.94
CA ILE A 107 4.33 7.64 -0.36
C ILE A 107 3.73 7.96 1.02
N SER A 108 2.45 7.68 1.24
CA SER A 108 1.89 8.06 2.55
C SER A 108 2.39 7.20 3.69
N MET A 109 3.16 6.14 3.43
CA MET A 109 3.76 5.41 4.54
C MET A 109 5.17 5.91 4.85
N VAL A 110 5.61 6.96 4.16
CA VAL A 110 6.95 7.52 4.34
C VAL A 110 6.89 8.59 5.43
N ARG A 111 7.55 8.33 6.53
CA ARG A 111 7.62 9.33 7.58
C ARG A 111 8.43 10.53 7.06
N PRO A 112 7.97 11.77 7.27
CA PRO A 112 8.55 12.92 6.51
C PRO A 112 10.06 13.08 6.61
N ASP A 113 10.67 12.82 7.77
CA ASP A 113 12.12 13.03 7.84
C ASP A 113 12.86 12.15 6.84
N ILE A 114 12.27 11.02 6.46
CA ILE A 114 12.96 10.13 5.53
C ILE A 114 13.09 10.78 4.16
N LEU A 115 12.05 11.46 3.69
CA LEU A 115 12.20 12.26 2.47
C LEU A 115 13.34 13.26 2.62
N ASP A 116 13.42 13.94 3.76
CA ASP A 116 14.49 14.92 3.93
C ASP A 116 15.86 14.25 3.99
N THR A 117 15.96 13.09 4.65
CA THR A 117 17.23 12.37 4.63
C THR A 117 17.61 12.01 3.19
N ILE A 118 16.61 11.66 2.38
CA ILE A 118 16.86 11.30 0.99
C ILE A 118 17.32 12.52 0.20
N ASP A 119 16.63 13.65 0.38
CA ASP A 119 17.06 14.89 -0.27
C ASP A 119 18.49 15.22 0.11
N ARG A 120 18.84 15.05 1.39
CA ARG A 120 20.20 15.36 1.82
C ARG A 120 21.19 14.41 1.17
N LYS A 121 20.90 13.10 1.20
CA LYS A 121 21.82 12.15 0.61
C LYS A 121 22.04 12.43 -0.87
N LEU A 122 20.98 12.76 -1.61
CA LEU A 122 21.15 13.02 -3.04
C LEU A 122 21.94 14.30 -3.28
N ARG A 123 21.69 15.33 -2.45
CA ARG A 123 22.45 16.55 -2.61
C ARG A 123 23.94 16.31 -2.34
N TRP A 124 24.25 15.42 -1.41
CA TRP A 124 25.65 15.11 -1.14
C TRP A 124 26.29 14.37 -2.34
N VAL A 125 25.58 13.40 -2.90
CA VAL A 125 26.18 12.65 -4.00
C VAL A 125 26.25 13.49 -5.29
N TYR A 126 25.26 14.34 -5.52
CA TYR A 126 25.32 15.21 -6.69
C TYR A 126 26.11 16.49 -6.45
N GLU A 127 26.50 16.78 -5.22
CA GLU A 127 27.22 18.01 -4.90
C GLU A 127 26.47 19.21 -5.48
N SER A 128 25.19 19.32 -5.11
CA SER A 128 24.34 20.36 -5.67
C SER A 128 23.45 20.94 -4.56
N ASP A 129 22.91 22.12 -4.82
CA ASP A 129 21.97 22.75 -3.92
C ASP A 129 20.54 22.47 -4.31
N GLU A 130 20.31 21.87 -5.48
CA GLU A 130 18.95 21.61 -5.92
C GLU A 130 18.32 20.51 -5.07
N PRO A 131 17.07 20.69 -4.65
CA PRO A 131 16.37 19.63 -3.93
C PRO A 131 16.44 18.30 -4.66
N PHE A 132 16.71 17.23 -3.90
CA PHE A 132 16.92 15.89 -4.43
C PHE A 132 18.04 15.86 -5.47
N GLY A 133 18.96 16.81 -5.38
CA GLY A 133 20.08 16.83 -6.31
C GLY A 133 19.68 16.97 -7.76
N GLY A 134 18.49 17.51 -8.02
CA GLY A 134 17.99 17.72 -9.37
C GLY A 134 17.22 16.56 -9.95
N VAL A 135 17.21 15.41 -9.27
CA VAL A 135 16.46 14.24 -9.73
C VAL A 135 14.97 14.54 -9.68
N GLN A 136 14.24 14.08 -10.70
CA GLN A 136 12.78 14.21 -10.71
C GLN A 136 12.16 13.12 -9.84
N VAL A 137 11.08 13.48 -9.13
CA VAL A 137 10.49 12.61 -8.12
C VAL A 137 8.99 12.44 -8.38
N ILE A 138 8.57 11.19 -8.59
CA ILE A 138 7.17 10.80 -8.76
C ILE A 138 6.79 9.98 -7.54
N MET A 139 5.59 10.24 -7.01
CA MET A 139 5.10 9.63 -5.78
C MET A 139 3.70 9.09 -6.00
N PHE A 140 3.49 7.83 -5.61
CA PHE A 140 2.22 7.13 -5.75
C PHE A 140 1.75 6.73 -4.37
N GLY A 141 0.46 6.96 -4.11
CA GLY A 141 -0.14 6.42 -2.91
C GLY A 141 -1.47 7.06 -2.59
N ASP A 142 -2.23 6.36 -1.78
CA ASP A 142 -3.53 6.83 -1.35
C ASP A 142 -3.36 7.78 -0.17
N LEU A 143 -3.72 9.04 -0.36
CA LEU A 143 -3.52 10.03 0.66
C LEU A 143 -4.20 9.66 1.99
N PHE A 144 -5.31 8.90 1.94
CA PHE A 144 -6.16 8.72 3.11
C PHE A 144 -6.01 7.36 3.81
N GLN A 145 -4.87 6.70 3.68
CA GLN A 145 -4.56 5.55 4.53
C GLN A 145 -3.45 5.98 5.50
N LEU A 146 -3.71 5.88 6.80
CA LEU A 146 -2.79 6.43 7.80
C LEU A 146 -1.44 5.72 7.75
N PRO A 147 -0.36 6.42 8.11
CA PRO A 147 0.95 5.80 8.13
C PRO A 147 1.14 5.02 9.40
N PRO A 148 2.28 4.34 9.58
CA PRO A 148 2.55 3.66 10.85
C PRO A 148 2.45 4.63 12.01
N VAL A 149 1.72 4.22 13.05
CA VAL A 149 1.60 5.04 14.24
C VAL A 149 3.00 5.50 14.64
N THR A 150 3.10 6.78 15.01
CA THR A 150 4.38 7.35 15.38
C THR A 150 4.72 6.91 16.81
N LYS A 151 5.87 6.25 16.95
CA LYS A 151 6.31 5.75 18.25
C LYS A 151 6.59 6.93 19.19
N LYS A 152 6.16 6.79 20.44
CA LYS A 152 6.27 7.85 21.44
C LYS A 152 7.62 8.56 21.42
N GLN A 153 8.66 7.86 20.98
CA GLN A 153 9.99 8.46 20.97
C GLN A 153 10.21 9.28 19.70
N GLU A 154 9.89 8.71 18.53
CA GLU A 154 9.98 9.53 17.31
C GLU A 154 9.15 10.80 17.46
N ARG A 155 7.99 10.69 18.12
CA ARG A 155 7.16 11.86 18.39
C ARG A 155 7.95 13.00 19.01
N GLU A 156 8.71 12.70 20.08
CA GLU A 156 9.37 13.76 20.83
C GLU A 156 10.54 14.37 20.06
N ILE A 157 11.32 13.52 19.38
CA ILE A 157 12.52 14.00 18.70
C ILE A 157 12.15 14.86 17.50
N LEU A 158 11.10 14.50 16.78
CA LEU A 158 10.77 15.11 15.51
C LEU A 158 9.84 16.30 15.58
N SER A 159 8.99 16.38 16.62
CA SER A 159 8.02 17.48 16.69
C SER A 159 8.70 18.84 16.78
N ASP A 160 9.89 18.91 17.39
CA ASP A 160 10.65 20.16 17.40
C ASP A 160 10.93 20.71 16.00
N PHE A 161 10.93 19.85 14.96
CA PHE A 161 11.31 20.26 13.62
C PHE A 161 10.20 20.14 12.58
N TYR A 162 9.13 19.38 12.83
CA TYR A 162 8.07 19.18 11.85
C TYR A 162 6.72 19.59 12.42
N ASP A 163 5.81 20.04 11.54
CA ASP A 163 4.43 20.39 11.90
C ASP A 163 3.47 19.22 11.89
N GLY A 164 3.78 18.15 11.15
CA GLY A 164 2.90 17.00 11.08
C GLY A 164 3.72 15.78 10.72
N PHE A 165 3.05 14.62 10.80
CA PHE A 165 3.67 13.32 10.53
C PHE A 165 3.12 12.68 9.27
N PHE A 166 2.81 13.49 8.26
CA PHE A 166 2.47 13.01 6.94
C PHE A 166 3.54 13.45 5.96
N PHE A 167 3.66 12.72 4.84
CA PHE A 167 4.82 12.88 3.96
C PHE A 167 4.96 14.29 3.42
N PHE A 168 3.85 14.98 3.18
CA PHE A 168 3.94 16.33 2.62
C PHE A 168 4.48 17.33 3.62
N ASN A 169 4.65 16.93 4.88
CA ASN A 169 5.26 17.80 5.88
C ASN A 169 6.79 17.81 5.77
N ALA A 170 7.38 17.12 4.80
CA ALA A 170 8.84 17.11 4.68
C ALA A 170 9.38 18.52 4.43
N LEU A 171 10.47 18.86 5.11
CA LEU A 171 11.03 20.20 5.00
C LEU A 171 11.46 20.51 3.56
N VAL A 172 11.78 19.50 2.77
CA VAL A 172 12.19 19.74 1.39
C VAL A 172 11.09 20.43 0.59
N PHE A 173 9.83 20.26 0.98
CA PHE A 173 8.73 20.85 0.23
C PHE A 173 8.53 22.35 0.51
N LYS A 174 9.41 22.95 1.32
CA LYS A 174 9.57 24.39 1.31
C LYS A 174 10.50 24.85 0.18
N ARG A 175 11.36 23.95 -0.32
CA ARG A 175 12.30 24.30 -1.39
C ARG A 175 11.89 23.75 -2.75
N THR A 176 10.98 22.78 -2.81
CA THR A 176 10.39 22.33 -4.04
C THR A 176 8.94 21.96 -3.76
N GLY A 177 8.26 21.42 -4.77
CA GLY A 177 6.85 21.10 -4.66
C GLY A 177 6.43 20.11 -5.72
N PHE A 178 5.12 19.93 -5.93
CA PHE A 178 4.66 18.86 -6.82
C PHE A 178 3.21 19.06 -7.18
N HIS A 179 2.86 18.69 -8.41
CA HIS A 179 1.49 18.61 -8.86
C HIS A 179 0.82 17.38 -8.26
N ILE A 180 -0.50 17.44 -8.14
CA ILE A 180 -1.29 16.31 -7.66
C ILE A 180 -2.28 15.92 -8.74
N VAL A 181 -2.39 14.61 -8.98
CA VAL A 181 -3.39 14.09 -9.90
C VAL A 181 -4.02 12.89 -9.21
N GLU A 182 -5.34 12.97 -8.97
CA GLU A 182 -6.08 11.90 -8.33
C GLU A 182 -6.72 11.04 -9.40
N LEU A 183 -6.46 9.74 -9.35
CA LEU A 183 -7.13 8.80 -10.25
C LEU A 183 -8.49 8.47 -9.66
N THR A 184 -9.55 8.70 -10.44
CA THR A 184 -10.92 8.63 -9.94
C THR A 184 -11.74 7.51 -10.57
N LYS A 185 -11.21 6.79 -11.56
CA LYS A 185 -11.91 5.67 -12.16
C LYS A 185 -11.57 4.39 -11.38
N ILE A 186 -12.60 3.75 -10.83
CA ILE A 186 -12.47 2.50 -10.09
C ILE A 186 -12.84 1.37 -11.07
N PHE A 187 -11.82 0.65 -11.55
CA PHE A 187 -12.04 -0.27 -12.67
C PHE A 187 -12.90 -1.48 -12.28
N ARG A 188 -12.72 -2.02 -11.08
CA ARG A 188 -13.46 -3.22 -10.68
C ARG A 188 -14.97 -3.01 -10.73
N GLN A 189 -15.45 -1.84 -10.29
CA GLN A 189 -16.86 -1.49 -10.34
C GLN A 189 -16.98 -0.02 -9.98
N THR A 190 -18.11 0.57 -10.34
CA THR A 190 -18.36 1.98 -10.10
C THR A 190 -19.64 2.11 -9.29
N GLU A 191 -19.51 2.64 -8.07
CA GLU A 191 -20.60 2.70 -7.11
C GLU A 191 -20.73 4.11 -6.56
N PRO A 192 -21.55 4.96 -7.17
CA PRO A 192 -21.68 6.36 -6.72
C PRO A 192 -22.05 6.52 -5.26
N GLU A 193 -23.19 5.94 -4.87
CA GLU A 193 -23.72 6.16 -3.52
C GLU A 193 -22.73 5.74 -2.45
N PHE A 194 -22.05 4.61 -2.67
CA PHE A 194 -21.04 4.17 -1.71
C PHE A 194 -19.84 5.10 -1.75
N ILE A 195 -19.34 5.40 -2.95
CA ILE A 195 -18.20 6.28 -3.08
C ILE A 195 -18.49 7.64 -2.43
N ASN A 196 -19.72 8.12 -2.59
CA ASN A 196 -20.10 9.42 -2.01
C ASN A 196 -20.17 9.35 -0.49
N VAL A 197 -20.54 8.19 0.06
CA VAL A 197 -20.55 8.05 1.51
C VAL A 197 -19.14 8.04 2.06
N LEU A 198 -18.22 7.34 1.39
CA LEU A 198 -16.83 7.34 1.82
C LEU A 198 -16.25 8.76 1.80
N ASN A 199 -16.52 9.50 0.74
CA ASN A 199 -15.97 10.84 0.64
C ASN A 199 -16.58 11.77 1.69
N ASN A 200 -17.90 11.67 1.89
CA ASN A 200 -18.54 12.48 2.93
C ASN A 200 -17.94 12.19 4.30
N ILE A 201 -17.63 10.93 4.57
CA ILE A 201 -17.01 10.58 5.84
C ILE A 201 -15.61 11.18 5.96
N ARG A 202 -14.76 10.98 4.94
CA ARG A 202 -13.37 11.46 5.04
C ARG A 202 -13.31 12.98 5.12
N ASN A 203 -14.30 13.68 4.56
CA ASN A 203 -14.39 15.13 4.65
C ASN A 203 -15.26 15.61 5.83
N TYR A 204 -15.77 14.70 6.67
CA TYR A 204 -16.62 15.06 7.81
C TYR A 204 -17.81 15.90 7.37
N GLN A 205 -18.53 15.40 6.36
CA GLN A 205 -19.78 15.98 5.88
C GLN A 205 -20.91 14.95 5.92
N VAL A 206 -20.93 14.09 6.93
CA VAL A 206 -21.89 13.00 6.93
C VAL A 206 -23.30 13.54 7.13
N THR A 207 -24.20 13.22 6.21
CA THR A 207 -25.58 13.62 6.36
C THR A 207 -26.30 12.70 7.34
N SER A 208 -27.40 13.21 7.89
CA SER A 208 -28.20 12.43 8.83
C SER A 208 -28.82 11.21 8.15
N ASP A 209 -29.04 11.29 6.84
CA ASP A 209 -29.46 10.10 6.11
C ASP A 209 -28.33 9.09 6.04
N GLU A 210 -27.11 9.55 5.73
CA GLU A 210 -25.98 8.63 5.69
C GLU A 210 -25.73 8.02 7.07
N LEU A 211 -25.87 8.81 8.12
CA LEU A 211 -25.73 8.28 9.48
C LEU A 211 -26.74 7.16 9.75
N ASP A 212 -27.93 7.23 9.14
CA ASP A 212 -28.91 6.17 9.31
C ASP A 212 -28.49 4.89 8.58
N LEU A 213 -27.92 5.02 7.38
CA LEU A 213 -27.46 3.83 6.66
C LEU A 213 -26.42 3.07 7.48
N LEU A 214 -25.47 3.79 8.08
CA LEU A 214 -24.44 3.16 8.90
C LEU A 214 -25.06 2.35 10.04
N SER A 215 -26.15 2.86 10.62
CA SER A 215 -26.86 2.14 11.68
C SER A 215 -27.42 0.82 11.21
N GLU A 216 -27.97 0.77 10.00
CA GLU A 216 -28.57 -0.47 9.50
C GLU A 216 -27.53 -1.55 9.18
N LEU A 217 -26.25 -1.18 9.13
CA LEU A 217 -25.20 -2.15 8.86
C LEU A 217 -24.99 -3.12 10.01
N LYS A 218 -25.46 -2.80 11.20
CA LYS A 218 -25.27 -3.68 12.34
C LYS A 218 -26.10 -4.94 12.15
N ASP A 219 -25.51 -6.10 12.47
CA ASP A 219 -26.20 -7.38 12.39
C ASP A 219 -25.44 -8.40 13.25
N ARG A 220 -25.93 -8.64 14.48
CA ARG A 220 -25.23 -9.52 15.41
C ARG A 220 -25.17 -10.96 14.90
N LYS A 221 -26.25 -11.46 14.29
CA LYS A 221 -26.29 -12.84 13.80
C LYS A 221 -25.17 -13.10 12.78
N ILE A 222 -25.06 -12.24 11.77
CA ILE A 222 -24.04 -12.46 10.75
C ILE A 222 -22.64 -12.20 11.30
N SER A 223 -22.48 -11.16 12.12
CA SER A 223 -21.13 -10.75 12.51
C SER A 223 -20.51 -11.66 13.55
N SER A 224 -21.29 -12.53 14.20
CA SER A 224 -20.78 -13.46 15.18
C SER A 224 -20.59 -14.86 14.62
N SER A 225 -20.74 -15.05 13.31
CA SER A 225 -20.56 -16.32 12.62
C SER A 225 -19.32 -16.29 11.74
N TYR A 226 -18.90 -17.48 11.32
CA TYR A 226 -17.66 -17.64 10.55
C TYR A 226 -17.80 -18.57 9.36
N ASP A 227 -18.98 -19.08 9.06
CA ASP A 227 -19.21 -20.06 8.00
C ASP A 227 -19.81 -19.45 6.73
N ASN A 228 -19.95 -18.14 6.68
CA ASN A 228 -20.47 -17.44 5.53
C ASN A 228 -19.31 -16.95 4.66
N GLU A 229 -19.63 -16.14 3.65
CA GLU A 229 -18.60 -15.64 2.75
C GLU A 229 -18.05 -14.28 3.17
N TYR A 230 -18.42 -13.80 4.36
CA TYR A 230 -17.88 -12.55 4.87
C TYR A 230 -16.50 -12.76 5.48
N ILE A 231 -15.60 -11.81 5.26
CA ILE A 231 -14.28 -11.84 5.87
C ILE A 231 -14.27 -10.84 7.01
N HIS A 232 -13.77 -11.26 8.17
CA HIS A 232 -13.72 -10.37 9.33
C HIS A 232 -12.51 -9.45 9.19
N ILE A 233 -12.75 -8.14 9.17
CA ILE A 233 -11.69 -7.14 9.08
C ILE A 233 -11.51 -6.53 10.47
N CYS A 234 -10.34 -6.73 11.07
CA CYS A 234 -10.08 -6.35 12.46
C CYS A 234 -8.80 -5.52 12.54
N THR A 235 -8.70 -4.73 13.60
CA THR A 235 -7.53 -3.86 13.70
C THR A 235 -6.32 -4.59 14.26
N HIS A 236 -6.51 -5.46 15.25
CA HIS A 236 -5.38 -6.08 15.93
C HIS A 236 -5.01 -7.44 15.36
N LYS A 237 -3.69 -7.69 15.32
CA LYS A 237 -3.15 -8.95 14.81
C LYS A 237 -3.66 -10.13 15.61
N ALA A 238 -3.64 -10.01 16.94
CA ALA A 238 -4.05 -11.12 17.79
C ALA A 238 -5.47 -11.59 17.47
N ASP A 239 -6.38 -10.65 17.17
CA ASP A 239 -7.76 -11.05 16.92
C ASP A 239 -7.88 -11.87 15.66
N VAL A 240 -7.11 -11.52 14.62
CA VAL A 240 -7.20 -12.22 13.35
C VAL A 240 -6.57 -13.59 13.46
N GLU A 241 -5.45 -13.69 14.18
CA GLU A 241 -4.82 -15.00 14.34
C GLU A 241 -5.68 -15.91 15.19
N LYS A 242 -6.36 -15.35 16.18
CA LYS A 242 -7.29 -16.15 16.96
C LYS A 242 -8.40 -16.70 16.08
N ILE A 243 -8.96 -15.87 15.21
CA ILE A 243 -10.09 -16.29 14.39
C ILE A 243 -9.64 -17.30 13.34
N ASN A 244 -8.53 -17.01 12.66
CA ASN A 244 -8.08 -17.91 11.61
C ASN A 244 -7.69 -19.27 12.19
N ALA A 245 -6.92 -19.28 13.28
CA ALA A 245 -6.51 -20.55 13.88
C ALA A 245 -7.69 -21.30 14.47
N ASP A 246 -8.58 -20.61 15.18
CA ASP A 246 -9.77 -21.26 15.71
C ASP A 246 -10.51 -22.04 14.64
N LYS A 247 -10.73 -21.40 13.48
CA LYS A 247 -11.44 -22.04 12.40
C LYS A 247 -10.61 -23.16 11.76
N LEU A 248 -9.30 -22.95 11.61
CA LEU A 248 -8.46 -23.96 10.99
C LEU A 248 -8.63 -25.31 11.68
N GLY A 249 -8.52 -25.34 13.01
CA GLY A 249 -8.64 -26.57 13.74
C GLY A 249 -7.33 -27.33 13.79
N GLU A 250 -7.36 -28.49 14.44
CA GLU A 250 -6.16 -29.30 14.60
C GLU A 250 -6.19 -30.61 13.80
N GLN A 251 -7.35 -31.03 13.32
CA GLN A 251 -7.48 -32.32 12.65
C GLN A 251 -7.23 -32.18 11.16
N GLU A 252 -6.37 -33.05 10.62
CA GLU A 252 -6.09 -33.14 9.19
C GLU A 252 -5.47 -31.85 8.65
N ILE A 253 -4.45 -31.37 9.37
CA ILE A 253 -3.77 -30.13 9.03
C ILE A 253 -2.59 -30.45 8.12
N ARG A 254 -2.49 -29.73 7.01
CA ARG A 254 -1.39 -29.86 6.08
C ARG A 254 -0.49 -28.63 6.22
N ASN A 255 0.81 -28.86 6.21
CA ASN A 255 1.80 -27.79 6.40
C ASN A 255 2.72 -27.68 5.19
N TYR A 256 3.01 -26.43 4.80
CA TYR A 256 3.87 -26.15 3.64
C TYR A 256 4.88 -25.08 4.05
N ASP A 257 6.17 -25.46 4.06
CA ASP A 257 7.20 -24.53 4.50
C ASP A 257 7.65 -23.62 3.35
N ILE A 258 8.02 -22.39 3.70
CA ILE A 258 8.59 -21.47 2.73
C ILE A 258 10.00 -21.92 2.37
N VAL A 259 10.35 -21.82 1.10
CA VAL A 259 11.71 -22.10 0.65
C VAL A 259 12.39 -20.78 0.32
N ILE A 260 13.52 -20.51 1.02
CA ILE A 260 14.34 -19.31 0.81
C ILE A 260 15.49 -19.65 -0.12
N LYS A 261 15.90 -18.67 -0.93
CA LYS A 261 17.04 -18.84 -1.84
C LYS A 261 17.86 -17.56 -1.81
N ASP A 262 19.14 -17.68 -1.42
CA ASP A 262 20.10 -16.57 -1.40
C ASP A 262 19.62 -15.49 -0.43
N LYS A 263 19.67 -14.20 -0.80
CA LYS A 263 19.53 -13.08 0.12
C LYS A 263 18.10 -12.52 0.07
N PHE A 264 17.31 -12.77 1.11
CA PHE A 264 15.93 -12.29 1.19
C PHE A 264 15.65 -11.68 2.56
N PRO A 265 15.35 -10.38 2.64
CA PRO A 265 15.06 -9.76 3.95
C PRO A 265 13.83 -10.37 4.61
N GLU A 266 13.98 -10.68 5.91
CA GLU A 266 12.86 -11.25 6.66
C GLU A 266 11.60 -10.42 6.53
N SER A 267 11.71 -9.09 6.69
CA SER A 267 10.51 -8.27 6.69
C SER A 267 9.95 -8.02 5.30
N SER A 268 10.69 -8.39 4.23
CA SER A 268 10.18 -8.32 2.87
C SER A 268 9.33 -9.54 2.47
N ILE A 269 9.30 -10.59 3.29
CA ILE A 269 8.57 -11.81 2.95
C ILE A 269 7.07 -11.54 2.92
N PRO A 270 6.42 -11.69 1.76
CA PRO A 270 4.99 -11.33 1.64
C PRO A 270 4.02 -12.50 1.81
N CYS A 271 4.50 -13.65 2.27
CA CYS A 271 3.70 -14.85 2.34
C CYS A 271 3.90 -15.50 3.70
N ASP A 272 3.14 -16.57 3.94
CA ASP A 272 3.26 -17.30 5.20
C ASP A 272 4.59 -18.04 5.27
N LEU A 273 5.18 -18.07 6.46
CA LEU A 273 6.40 -18.83 6.66
C LEU A 273 6.11 -20.32 6.74
N HIS A 274 4.95 -20.68 7.34
CA HIS A 274 4.48 -22.05 7.50
C HIS A 274 2.98 -22.05 7.19
N LEU A 275 2.64 -22.19 5.91
CA LEU A 275 1.25 -22.20 5.46
C LEU A 275 0.56 -23.48 5.92
N LYS A 276 -0.38 -23.36 6.86
CA LYS A 276 -1.12 -24.51 7.36
C LYS A 276 -2.54 -24.46 6.82
N LEU A 277 -3.00 -25.58 6.26
CA LEU A 277 -4.29 -25.62 5.58
C LEU A 277 -4.99 -26.95 5.84
N ARG A 278 -6.27 -26.97 5.44
CA ARG A 278 -7.09 -28.16 5.47
C ARG A 278 -8.20 -28.00 4.44
N VAL A 279 -8.81 -29.13 4.07
CA VAL A 279 -9.91 -29.09 3.13
C VAL A 279 -11.04 -28.26 3.72
N GLY A 280 -11.53 -27.29 2.95
CA GLY A 280 -12.56 -26.40 3.42
C GLY A 280 -12.06 -25.11 4.05
N ALA A 281 -10.75 -24.98 4.25
CA ALA A 281 -10.20 -23.75 4.78
C ALA A 281 -10.55 -22.56 3.86
N ARG A 282 -10.90 -21.43 4.48
CA ARG A 282 -11.10 -20.18 3.75
C ARG A 282 -9.74 -19.53 3.50
N VAL A 283 -9.49 -19.12 2.25
CA VAL A 283 -8.19 -18.60 1.86
C VAL A 283 -8.32 -17.43 0.89
N MET A 284 -7.26 -16.62 0.86
CA MET A 284 -7.10 -15.47 0.00
C MET A 284 -5.86 -15.64 -0.87
N SER A 285 -6.02 -15.34 -2.16
CA SER A 285 -4.91 -15.33 -3.10
C SER A 285 -4.03 -14.10 -2.88
N LEU A 286 -2.71 -14.30 -2.98
CA LEU A 286 -1.75 -13.26 -2.64
C LEU A 286 -1.13 -12.57 -3.85
N VAL A 287 -1.32 -13.08 -5.06
CA VAL A 287 -0.69 -12.53 -6.26
C VAL A 287 -1.71 -12.51 -7.40
N ASN A 288 -1.35 -11.81 -8.46
CA ASN A 288 -2.21 -11.66 -9.62
C ASN A 288 -1.73 -12.55 -10.76
N ASP A 289 -2.69 -13.21 -11.42
CA ASP A 289 -2.37 -14.06 -12.56
C ASP A 289 -3.60 -14.03 -13.47
N SER A 290 -3.55 -13.16 -14.48
CA SER A 290 -4.72 -12.98 -15.33
C SER A 290 -5.00 -14.21 -16.18
N LEU A 291 -3.95 -14.95 -16.56
CA LEU A 291 -4.18 -16.13 -17.40
C LEU A 291 -4.74 -17.29 -16.59
N LYS A 292 -4.22 -17.50 -15.37
CA LYS A 292 -4.79 -18.53 -14.51
C LYS A 292 -6.14 -18.11 -13.92
N GLY A 293 -6.36 -16.81 -13.75
CA GLY A 293 -7.66 -16.31 -13.41
C GLY A 293 -7.84 -15.83 -11.98
N TYR A 294 -6.78 -15.57 -11.24
CA TYR A 294 -6.94 -15.03 -9.91
C TYR A 294 -6.19 -13.71 -9.76
N TYR A 295 -6.51 -13.00 -8.67
CA TYR A 295 -5.91 -11.72 -8.37
C TYR A 295 -5.56 -11.67 -6.89
N ASN A 296 -4.73 -10.70 -6.53
CA ASN A 296 -4.38 -10.47 -5.14
C ASN A 296 -5.62 -10.05 -4.38
N GLY A 297 -6.02 -10.83 -3.38
CA GLY A 297 -7.21 -10.57 -2.60
C GLY A 297 -8.40 -11.43 -2.94
N MET A 298 -8.32 -12.26 -3.98
CA MET A 298 -9.45 -13.13 -4.32
C MET A 298 -9.65 -14.19 -3.24
N LEU A 299 -10.90 -14.42 -2.87
CA LEU A 299 -11.23 -15.37 -1.81
C LEU A 299 -11.84 -16.64 -2.39
N GLY A 300 -11.51 -17.78 -1.79
CA GLY A 300 -12.04 -19.07 -2.18
C GLY A 300 -12.00 -20.06 -1.03
N ILE A 301 -12.17 -21.34 -1.35
CA ILE A 301 -12.21 -22.42 -0.36
C ILE A 301 -11.36 -23.59 -0.86
N VAL A 302 -10.49 -24.10 0.03
CA VAL A 302 -9.66 -25.25 -0.33
C VAL A 302 -10.53 -26.48 -0.49
N THR A 303 -10.36 -27.19 -1.61
CA THR A 303 -11.04 -28.46 -1.82
C THR A 303 -10.10 -29.65 -1.94
N ALA A 304 -8.84 -29.45 -2.32
CA ALA A 304 -7.90 -30.55 -2.39
C ALA A 304 -6.53 -30.05 -1.97
N LEU A 305 -5.76 -30.96 -1.36
CA LEU A 305 -4.42 -30.67 -0.89
C LEU A 305 -3.51 -31.82 -1.32
N GLU A 306 -2.53 -31.50 -2.17
CA GLU A 306 -1.51 -32.47 -2.58
C GLU A 306 -0.15 -31.87 -2.30
N ASP A 307 0.90 -32.59 -2.71
CA ASP A 307 2.25 -32.17 -2.38
C ASP A 307 2.59 -30.82 -2.99
N ASN A 308 2.28 -30.64 -4.27
CA ASN A 308 2.70 -29.46 -5.00
C ASN A 308 1.54 -28.65 -5.55
N VAL A 309 0.31 -29.05 -5.27
CA VAL A 309 -0.85 -28.36 -5.78
C VAL A 309 -1.88 -28.22 -4.67
N ILE A 310 -2.45 -27.03 -4.57
CA ILE A 310 -3.56 -26.75 -3.68
C ILE A 310 -4.73 -26.31 -4.52
N THR A 311 -5.79 -27.10 -4.51
CA THR A 311 -6.98 -26.86 -5.30
C THR A 311 -7.97 -26.04 -4.49
N VAL A 312 -8.49 -24.97 -5.09
CA VAL A 312 -9.34 -24.01 -4.42
C VAL A 312 -10.50 -23.66 -5.35
N ARG A 313 -11.72 -23.63 -4.79
CA ARG A 313 -12.89 -23.12 -5.48
C ARG A 313 -13.08 -21.68 -5.03
N MET A 314 -12.97 -20.74 -5.97
CA MET A 314 -13.03 -19.33 -5.60
C MET A 314 -14.49 -18.91 -5.41
N ASP A 315 -14.67 -17.72 -4.84
CA ASP A 315 -16.02 -17.22 -4.59
C ASP A 315 -16.82 -17.10 -5.88
N ASN A 316 -16.14 -16.81 -7.00
CA ASN A 316 -16.82 -16.63 -8.28
C ASN A 316 -17.24 -17.94 -8.93
N GLY A 317 -16.94 -19.09 -8.31
CA GLY A 317 -17.38 -20.38 -8.80
C GLY A 317 -16.33 -21.19 -9.54
N ARG A 318 -15.17 -20.62 -9.82
CA ARG A 318 -14.13 -21.31 -10.58
C ARG A 318 -13.20 -22.09 -9.64
N THR A 319 -12.87 -23.32 -10.05
CA THR A 319 -11.80 -24.10 -9.42
C THR A 319 -10.46 -23.74 -10.04
N ILE A 320 -9.44 -23.61 -9.20
CA ILE A 320 -8.12 -23.20 -9.65
C ILE A 320 -7.09 -24.06 -8.93
N LYS A 321 -6.13 -24.59 -9.68
CA LYS A 321 -5.04 -25.39 -9.12
C LYS A 321 -3.85 -24.47 -8.84
N PHE A 322 -3.68 -24.10 -7.57
CA PHE A 322 -2.58 -23.23 -7.18
C PHE A 322 -1.30 -24.02 -7.01
N GLU A 323 -0.23 -23.54 -7.63
CA GLU A 323 1.11 -24.06 -7.49
C GLU A 323 1.96 -23.05 -6.74
N ARG A 324 3.14 -23.48 -6.33
CA ARG A 324 4.02 -22.60 -5.58
C ARG A 324 4.40 -21.40 -6.44
N TYR A 325 4.69 -20.28 -5.78
CA TYR A 325 5.02 -19.03 -6.45
C TYR A 325 6.32 -18.50 -5.85
N THR A 326 7.08 -17.82 -6.69
CA THR A 326 8.42 -17.34 -6.35
C THR A 326 8.44 -15.82 -6.46
N TRP A 327 8.64 -15.15 -5.33
CA TRP A 327 8.88 -13.71 -5.31
C TRP A 327 10.38 -13.47 -5.45
N SER A 328 10.74 -12.51 -6.29
CA SER A 328 12.14 -12.18 -6.56
C SER A 328 12.55 -10.91 -5.83
N ASN A 329 13.59 -11.02 -5.00
CA ASN A 329 14.21 -9.85 -4.38
C ASN A 329 15.29 -9.33 -5.32
N THR A 330 15.07 -8.15 -5.90
CA THR A 330 16.01 -7.55 -6.84
C THR A 330 16.65 -6.29 -6.25
N GLN A 331 17.69 -5.86 -6.96
CA GLN A 331 18.37 -4.59 -6.72
C GLN A 331 18.87 -4.10 -8.06
N TYR A 332 19.17 -2.79 -8.12
CA TYR A 332 19.57 -2.13 -9.35
C TYR A 332 21.09 -2.09 -9.49
N THR A 333 21.55 -2.16 -10.73
CA THR A 333 22.94 -2.00 -11.11
C THR A 333 22.96 -1.24 -12.42
N LEU A 334 24.16 -1.04 -12.94
CA LEU A 334 24.38 -0.40 -14.22
C LEU A 334 24.86 -1.42 -15.23
N LYS A 335 24.14 -1.56 -16.33
CA LYS A 335 24.58 -2.33 -17.48
C LYS A 335 24.96 -1.30 -18.52
N ASP A 336 26.27 -1.12 -18.72
CA ASP A 336 26.76 -0.01 -19.53
C ASP A 336 26.58 1.26 -18.72
N ASN A 337 25.77 2.18 -19.24
CA ASN A 337 25.34 3.35 -18.49
C ASN A 337 23.82 3.36 -18.35
N GLU A 338 23.21 2.17 -18.34
CA GLU A 338 21.78 1.97 -18.20
C GLU A 338 21.50 1.25 -16.90
N ILE A 339 20.42 1.65 -16.23
CA ILE A 339 20.01 1.04 -14.97
C ILE A 339 19.15 -0.18 -15.27
N VAL A 340 19.56 -1.32 -14.75
CA VAL A 340 18.83 -2.56 -14.89
C VAL A 340 18.71 -3.20 -13.52
N LYS A 341 17.88 -4.24 -13.44
CA LYS A 341 17.68 -4.97 -12.21
C LYS A 341 18.43 -6.30 -12.25
N GLU A 342 18.79 -6.80 -11.07
CA GLU A 342 19.41 -8.11 -10.95
C GLU A 342 18.87 -8.79 -9.71
N GLU A 343 18.55 -10.07 -9.84
CA GLU A 343 18.04 -10.85 -8.72
C GLU A 343 19.16 -11.16 -7.73
N ILE A 344 18.89 -10.92 -6.45
CA ILE A 344 19.82 -11.26 -5.37
C ILE A 344 19.23 -12.26 -4.39
N GLY A 345 17.97 -12.65 -4.57
CA GLY A 345 17.35 -13.65 -3.70
C GLY A 345 15.93 -13.90 -4.16
N SER A 346 15.33 -14.93 -3.57
CA SER A 346 13.93 -15.25 -3.83
C SER A 346 13.38 -16.06 -2.66
N CYS A 347 12.06 -16.12 -2.59
CA CYS A 347 11.38 -17.02 -1.67
C CYS A 347 10.22 -17.67 -2.41
N THR A 348 9.95 -18.93 -2.08
CA THR A 348 9.00 -19.75 -2.82
C THR A 348 8.00 -20.37 -1.85
N GLN A 349 6.71 -20.28 -2.20
CA GLN A 349 5.62 -20.69 -1.31
C GLN A 349 4.31 -20.53 -2.07
N PHE A 350 3.29 -21.28 -1.66
CA PHE A 350 1.99 -21.14 -2.29
C PHE A 350 1.42 -19.74 -2.00
N PRO A 351 0.85 -19.04 -3.02
CA PRO A 351 0.39 -17.65 -2.82
C PRO A 351 -1.02 -17.59 -2.24
N LEU A 352 -1.19 -18.19 -1.06
CA LEU A 352 -2.48 -18.23 -0.39
C LEU A 352 -2.26 -18.06 1.10
N THR A 353 -3.25 -17.50 1.77
CA THR A 353 -3.19 -17.35 3.21
C THR A 353 -4.60 -17.52 3.76
N LEU A 354 -4.68 -18.01 4.99
CA LEU A 354 -5.97 -18.14 5.65
C LEU A 354 -6.68 -16.80 5.68
N ALA A 355 -7.99 -16.81 5.42
CA ALA A 355 -8.67 -15.55 5.23
C ALA A 355 -10.09 -15.61 5.79
N TRP A 356 -10.26 -16.22 6.95
CA TRP A 356 -11.50 -15.97 7.69
C TRP A 356 -11.50 -14.54 8.22
N ALA A 357 -10.31 -14.04 8.56
CA ALA A 357 -10.09 -12.70 9.07
C ALA A 357 -8.82 -12.14 8.48
N ILE A 358 -8.76 -10.81 8.37
CA ILE A 358 -7.56 -10.12 7.92
C ILE A 358 -7.48 -8.80 8.68
N THR A 359 -6.25 -8.36 8.93
CA THR A 359 -6.04 -7.11 9.66
C THR A 359 -6.28 -5.92 8.75
N ILE A 360 -6.65 -4.80 9.38
CA ILE A 360 -6.75 -3.57 8.64
C ILE A 360 -5.44 -3.28 7.93
N HIS A 361 -4.33 -3.63 8.57
CA HIS A 361 -3.02 -3.36 7.96
C HIS A 361 -2.74 -4.30 6.79
N LYS A 362 -2.92 -5.62 6.99
CA LYS A 362 -2.64 -6.55 5.91
C LYS A 362 -3.56 -6.35 4.71
N SER A 363 -4.72 -5.72 4.91
CA SER A 363 -5.67 -5.51 3.83
C SER A 363 -5.51 -4.15 3.14
N GLN A 364 -4.47 -3.38 3.48
CA GLN A 364 -4.25 -2.12 2.78
C GLN A 364 -4.14 -2.37 1.29
N GLY A 365 -4.91 -1.62 0.51
CA GLY A 365 -4.96 -1.79 -0.93
C GLY A 365 -5.91 -2.87 -1.44
N LEU A 366 -6.66 -3.54 -0.59
CA LEU A 366 -7.56 -4.59 -1.07
C LEU A 366 -9.01 -4.18 -0.85
N THR A 367 -9.91 -4.76 -1.66
CA THR A 367 -11.35 -4.65 -1.47
C THR A 367 -11.97 -6.03 -1.56
N PHE A 368 -13.10 -6.20 -0.89
CA PHE A 368 -13.80 -7.47 -0.81
C PHE A 368 -15.28 -7.24 -1.06
N ASP A 369 -15.97 -8.33 -1.43
CA ASP A 369 -17.41 -8.22 -1.69
C ASP A 369 -18.22 -8.15 -0.39
N LYS A 370 -17.76 -8.82 0.66
CA LYS A 370 -18.51 -8.96 1.89
C LYS A 370 -17.55 -8.81 3.06
N ILE A 371 -17.80 -7.83 3.94
CA ILE A 371 -16.95 -7.62 5.09
C ILE A 371 -17.77 -7.49 6.37
N ILE A 372 -17.21 -8.00 7.45
CA ILE A 372 -17.74 -7.79 8.78
C ILE A 372 -16.76 -6.85 9.47
N ILE A 373 -17.22 -5.63 9.72
CA ILE A 373 -16.40 -4.64 10.41
C ILE A 373 -16.53 -4.85 11.92
N HIS A 374 -15.40 -5.03 12.59
CA HIS A 374 -15.35 -5.08 14.05
C HIS A 374 -15.04 -3.67 14.53
N VAL A 375 -16.01 -3.04 15.18
CA VAL A 375 -15.82 -1.64 15.54
C VAL A 375 -14.64 -1.52 16.49
N SER A 376 -13.62 -0.77 16.07
CA SER A 376 -12.50 -0.42 16.93
C SER A 376 -12.95 0.63 17.93
N HIS A 377 -13.49 0.17 19.06
CA HIS A 377 -14.08 1.08 20.05
C HIS A 377 -13.08 2.09 20.59
N THR A 378 -11.80 1.97 20.26
CA THR A 378 -10.82 2.96 20.70
C THR A 378 -11.18 4.32 20.11
N PHE A 379 -10.52 4.71 19.01
CA PHE A 379 -10.76 6.01 18.38
C PHE A 379 -9.86 6.21 17.16
N CYS A 380 -8.98 7.20 17.22
CA CYS A 380 -7.96 7.55 16.24
C CYS A 380 -8.56 8.01 14.92
N PRO A 381 -8.11 9.15 14.41
CA PRO A 381 -8.67 9.70 13.17
C PRO A 381 -8.67 8.70 12.03
N GLY A 382 -9.77 8.69 11.28
CA GLY A 382 -9.86 7.98 10.03
C GLY A 382 -10.09 6.48 10.11
N GLN A 383 -10.18 5.90 11.31
CA GLN A 383 -10.31 4.45 11.39
C GLN A 383 -11.54 3.96 10.63
N LEU A 384 -12.72 4.51 10.95
CA LEU A 384 -13.95 4.01 10.34
C LEU A 384 -13.92 4.15 8.83
N TYR A 385 -13.33 5.24 8.32
CA TYR A 385 -13.22 5.36 6.87
C TYR A 385 -12.43 4.19 6.30
N VAL A 386 -11.26 3.90 6.88
CA VAL A 386 -10.44 2.81 6.37
C VAL A 386 -11.21 1.50 6.37
N ALA A 387 -11.93 1.21 7.45
CA ALA A 387 -12.62 -0.07 7.56
C ALA A 387 -13.73 -0.18 6.52
N LEU A 388 -14.54 0.88 6.38
CA LEU A 388 -15.58 0.85 5.38
C LEU A 388 -14.99 0.68 3.98
N SER A 389 -13.87 1.35 3.72
CA SER A 389 -13.25 1.32 2.39
C SER A 389 -12.75 -0.06 2.01
N ARG A 390 -12.73 -1.03 2.94
CA ARG A 390 -12.38 -2.39 2.54
C ARG A 390 -13.49 -3.09 1.80
N CYS A 391 -14.64 -2.47 1.59
CA CYS A 391 -15.69 -3.13 0.83
C CYS A 391 -15.80 -2.52 -0.55
N ARG A 392 -16.51 -3.22 -1.43
CA ARG A 392 -16.75 -2.77 -2.79
C ARG A 392 -18.09 -2.09 -2.95
N THR A 393 -19.05 -2.41 -2.08
CA THR A 393 -20.37 -1.81 -2.09
C THR A 393 -20.79 -1.50 -0.65
N LEU A 394 -21.85 -0.72 -0.54
CA LEU A 394 -22.42 -0.43 0.77
C LEU A 394 -23.16 -1.65 1.33
N GLU A 395 -23.92 -2.35 0.47
CA GLU A 395 -24.74 -3.47 0.91
C GLU A 395 -23.92 -4.68 1.39
N GLY A 396 -22.63 -4.73 1.07
CA GLY A 396 -21.77 -5.84 1.45
C GLY A 396 -21.12 -5.71 2.82
N ILE A 397 -21.42 -4.62 3.55
CA ILE A 397 -20.82 -4.35 4.85
C ILE A 397 -21.76 -4.77 5.98
N VAL A 398 -21.19 -5.42 6.99
CA VAL A 398 -21.89 -5.75 8.22
C VAL A 398 -21.02 -5.27 9.37
N SER A 399 -21.66 -4.75 10.43
CA SER A 399 -20.90 -4.28 11.59
C SER A 399 -21.30 -5.09 12.82
N ASP A 400 -20.33 -5.29 13.72
CA ASP A 400 -20.57 -6.04 14.95
C ASP A 400 -21.18 -5.20 16.06
N ALA A 401 -21.24 -3.88 15.87
CA ALA A 401 -21.90 -2.98 16.80
C ALA A 401 -22.43 -1.78 16.02
N PHE A 402 -23.33 -1.04 16.64
CA PHE A 402 -23.92 0.11 15.98
C PHE A 402 -22.86 1.17 15.73
N ILE A 403 -22.85 1.71 14.52
CA ILE A 403 -21.92 2.76 14.11
C ILE A 403 -22.57 4.10 14.43
N THR A 404 -21.93 4.90 15.27
CA THR A 404 -22.47 6.18 15.71
C THR A 404 -21.62 7.33 15.21
N LYS A 405 -22.19 8.54 15.26
CA LYS A 405 -21.50 9.71 14.73
C LYS A 405 -20.14 9.90 15.40
N GLN A 406 -20.04 9.58 16.69
CA GLN A 406 -18.76 9.79 17.36
C GLN A 406 -17.65 8.88 16.86
N MET A 407 -17.97 7.79 16.15
CA MET A 407 -16.91 6.96 15.61
C MET A 407 -16.29 7.55 14.36
N ILE A 408 -16.85 8.63 13.84
CA ILE A 408 -16.30 9.32 12.68
C ILE A 408 -15.36 10.39 13.23
N ILE A 409 -14.07 10.09 13.24
CA ILE A 409 -13.06 10.99 13.77
C ILE A 409 -12.27 11.51 12.57
N PRO A 410 -12.37 12.80 12.25
CA PRO A 410 -11.75 13.31 11.02
C PRO A 410 -10.27 13.60 11.23
N GLU A 411 -9.53 13.55 10.12
CA GLU A 411 -8.11 13.92 10.10
C GLU A 411 -8.03 15.24 9.35
N TYR A 412 -8.00 16.34 10.11
CA TYR A 412 -8.04 17.65 9.49
C TYR A 412 -6.74 18.01 8.76
N ALA A 413 -5.61 17.46 9.20
CA ALA A 413 -4.37 17.67 8.43
C ALA A 413 -4.55 17.29 6.95
N LEU A 414 -5.29 16.20 6.69
CA LEU A 414 -5.50 15.74 5.32
C LEU A 414 -6.55 16.57 4.59
N ILE A 415 -7.67 16.88 5.24
CA ILE A 415 -8.68 17.72 4.59
C ILE A 415 -8.09 19.07 4.19
N ASP A 416 -7.23 19.63 5.04
CA ASP A 416 -6.60 20.93 4.75
C ASP A 416 -5.65 20.83 3.57
N PHE A 417 -4.86 19.75 3.50
CA PHE A 417 -3.98 19.54 2.36
C PHE A 417 -4.80 19.44 1.07
N GLU A 418 -5.79 18.55 1.03
CA GLU A 418 -6.65 18.44 -0.15
C GLU A 418 -7.18 19.81 -0.57
N ARG A 419 -7.92 20.48 0.32
CA ARG A 419 -8.55 21.73 -0.07
C ARG A 419 -7.53 22.79 -0.48
N ALA A 420 -6.32 22.73 0.09
CA ALA A 420 -5.31 23.73 -0.25
C ALA A 420 -4.74 23.50 -1.66
N TYR A 421 -4.43 22.25 -2.02
CA TYR A 421 -3.90 22.07 -3.38
C TYR A 421 -5.00 22.15 -4.42
N LYS A 422 -6.21 21.70 -4.10
CA LYS A 422 -7.30 21.76 -5.08
C LYS A 422 -7.61 23.18 -5.51
N SER A 423 -7.19 24.17 -4.71
CA SER A 423 -7.43 25.57 -5.04
C SER A 423 -6.13 26.34 -5.25
N GLU A 424 -5.00 25.65 -5.37
CA GLU A 424 -3.72 26.26 -5.72
C GLU A 424 -3.15 25.60 -6.97
N GLY A 425 -4.01 25.39 -7.96
CA GLY A 425 -3.59 24.80 -9.21
C GLY A 425 -3.18 23.34 -9.10
N ASN A 426 -3.79 22.59 -8.18
CA ASN A 426 -3.41 21.20 -7.98
C ASN A 426 -1.90 21.08 -7.84
N TYR A 427 -1.36 21.95 -7.00
CA TYR A 427 0.07 22.01 -6.74
C TYR A 427 0.28 22.35 -5.28
N TYR A 428 1.26 21.70 -4.65
CA TYR A 428 1.64 21.96 -3.27
C TYR A 428 3.15 22.20 -3.21
N GLY A 429 3.55 23.11 -2.31
CA GLY A 429 4.93 23.48 -2.17
C GLY A 429 5.33 24.67 -3.02
N LYS A 430 6.63 24.78 -3.27
CA LYS A 430 7.19 25.95 -3.94
C LYS A 430 7.21 25.75 -5.45
N ARG A 431 6.81 26.80 -6.17
CA ARG A 431 6.71 26.77 -7.63
C ARG A 431 8.09 26.88 -8.28
N LEU A 432 9.08 27.24 -7.63
PB ADP B . -4.62 0.33 -7.14
O1B ADP B . -5.03 1.79 -7.22
O2B ADP B . -3.16 0.10 -7.00
O3B ADP B . -5.41 -0.47 -6.13
PA ADP B . -4.60 -1.57 -9.39
O1A ADP B . -4.16 -2.57 -8.36
O2A ADP B . -3.67 -1.17 -10.50
O3A ADP B . -5.05 -0.20 -8.62
O5' ADP B . -6.00 -2.08 -10.01
C5' ADP B . -6.38 -3.45 -9.84
C4' ADP B . -7.62 -3.79 -10.65
O4' ADP B . -7.99 -2.69 -11.52
C3' ADP B . -7.38 -5.00 -11.54
O3' ADP B . -8.58 -5.76 -11.69
C2' ADP B . -6.92 -4.37 -12.83
O2' ADP B . -7.18 -5.21 -13.96
C1' ADP B . -7.75 -3.09 -12.88
N9 ADP B . -7.07 -2.01 -13.64
C8 ADP B . -6.12 -1.19 -13.13
N7 ADP B . -5.71 -0.30 -14.07
C5 ADP B . -6.39 -0.56 -15.19
C6 ADP B . -6.43 0.02 -16.55
N6 ADP B . -5.63 1.05 -16.86
N1 ADP B . -7.29 -0.52 -17.45
C2 ADP B . -8.10 -1.56 -17.12
N3 ADP B . -8.11 -2.12 -15.90
C4 ADP B . -7.30 -1.67 -14.91
H5'1 ADP B . -6.58 -3.64 -8.78
H5'2 ADP B . -5.56 -4.09 -10.15
H4' ADP B . -8.45 -4.01 -9.97
H3' ADP B . -6.56 -5.62 -11.11
HO3' ADP B . -8.42 -6.52 -12.24
H2' ADP B . -5.86 -4.11 -12.77
HO2' ADP B . -6.69 -6.04 -13.87
H1' ADP B . -8.71 -3.31 -13.36
H8 ADP B . -5.75 -1.23 -12.13
HN61 ADP B . -5.00 1.43 -16.15
HN62 ADP B . -5.64 1.45 -17.79
H2 ADP B . -8.77 -1.94 -17.88
CA CA C . -1.65 -0.93 -5.39
CA CA D . 16.48 18.28 -12.97
#